data_5K8H
# 
_entry.id   5K8H 
# 
_audit_conform.dict_name       mmcif_pdbx.dic 
_audit_conform.dict_version    5.379 
_audit_conform.dict_location   http://mmcif.pdb.org/dictionaries/ascii/mmcif_pdbx.dic 
# 
loop_
_database_2.database_id 
_database_2.database_code 
_database_2.pdbx_database_accession 
_database_2.pdbx_DOI 
PDB   5K8H         pdb_00005k8h 10.2210/pdb5k8h/pdb 
WWPDB D_1000221863 ?            ?                   
# 
_pdbx_database_status.status_code                     REL 
_pdbx_database_status.status_code_sf                  REL 
_pdbx_database_status.status_code_mr                  ? 
_pdbx_database_status.entry_id                        5K8H 
_pdbx_database_status.recvd_initial_deposition_date   2016-05-30 
_pdbx_database_status.SG_entry                        N 
_pdbx_database_status.deposit_site                    RCSB 
_pdbx_database_status.process_site                    RCSB 
_pdbx_database_status.status_code_cs                  ? 
_pdbx_database_status.methods_development_category    ? 
_pdbx_database_status.pdb_format_compatible           Y 
_pdbx_database_status.status_code_nmr_data            ? 
# 
loop_
_audit_author.name 
_audit_author.pdbx_ordinal 
_audit_author.identifier_ORCID 
'Gleghorn, M.L.' 1 ? 
'Maquat, L.E.'   2 ? 
# 
_citation.abstract                  ? 
_citation.abstract_id_CAS           ? 
_citation.book_id_ISBN              ? 
_citation.book_publisher            ? 
_citation.book_publisher_city       ? 
_citation.book_title                ? 
_citation.coordinate_linkage        ? 
_citation.country                   UK 
_citation.database_id_Medline       ? 
_citation.details                   ? 
_citation.id                        primary 
_citation.journal_abbrev            'Nucleic Acids Res.' 
_citation.journal_id_ASTM           NARHAD 
_citation.journal_id_CSD            0389 
_citation.journal_id_ISSN           1362-4962 
_citation.journal_full              ? 
_citation.journal_issue             ? 
_citation.journal_volume            44 
_citation.language                  ? 
_citation.page_first                8417 
_citation.page_last                 8424 
_citation.title                     
;Crystal structure of a poly(rA) staggered zipper at acidic pH: evidence that adenine N1 protonation mediates parallel double helix formation.
;
_citation.year                      2016 
_citation.database_id_CSD           ? 
_citation.pdbx_database_id_DOI      10.1093/nar/gkw526 
_citation.pdbx_database_id_PubMed   27288442 
_citation.unpublished_flag          ? 
# 
loop_
_citation_author.citation_id 
_citation_author.name 
_citation_author.ordinal 
_citation_author.identifier_ORCID 
primary 'Gleghorn, M.L.' 1 ? 
primary 'Zhao, J.'       2 ? 
primary 'Turner, D.H.'   3 ? 
primary 'Maquat, L.E.'   4 ? 
# 
_cell.angle_alpha                  90.00 
_cell.angle_alpha_esd              ? 
_cell.angle_beta                   90.00 
_cell.angle_beta_esd               ? 
_cell.angle_gamma                  90.00 
_cell.angle_gamma_esd              ? 
_cell.entry_id                     5K8H 
_cell.details                      ? 
_cell.formula_units_Z              ? 
_cell.length_a                     21.253 
_cell.length_a_esd                 ? 
_cell.length_b                     21.253 
_cell.length_b_esd                 ? 
_cell.length_c                     14.946 
_cell.length_c_esd                 ? 
_cell.volume                       ? 
_cell.volume_esd                   ? 
_cell.Z_PDB                        8 
_cell.reciprocal_angle_alpha       ? 
_cell.reciprocal_angle_beta        ? 
_cell.reciprocal_angle_gamma       ? 
_cell.reciprocal_angle_alpha_esd   ? 
_cell.reciprocal_angle_beta_esd    ? 
_cell.reciprocal_angle_gamma_esd   ? 
_cell.reciprocal_length_a          ? 
_cell.reciprocal_length_b          ? 
_cell.reciprocal_length_c          ? 
_cell.reciprocal_length_a_esd      ? 
_cell.reciprocal_length_b_esd      ? 
_cell.reciprocal_length_c_esd      ? 
_cell.pdbx_unique_axis             ? 
# 
_symmetry.entry_id                         5K8H 
_symmetry.cell_setting                     ? 
_symmetry.Int_Tables_number                94 
_symmetry.space_group_name_Hall            ? 
_symmetry.space_group_name_H-M             'P 42 21 2' 
_symmetry.pdbx_full_space_group_name_H-M   ? 
# 
loop_
_entity.id 
_entity.type 
_entity.src_method 
_entity.pdbx_description 
_entity.formula_weight 
_entity.pdbx_number_of_molecules 
_entity.pdbx_ec 
_entity.pdbx_mutation 
_entity.pdbx_fragment 
_entity.details 
1 polymer     syn 'RNA 7-mer'    2259.483 1 ? ? ? ? 
2 non-polymer syn 'AMMONIUM ION' 18.038   1 ? ? ? ? 
3 water       nat water          18.015   8 ? ? ? ? 
# 
_entity_poly.entity_id                      1 
_entity_poly.type                           polyribonucleotide 
_entity_poly.nstd_linkage                   no 
_entity_poly.nstd_monomer                   no 
_entity_poly.pdbx_seq_one_letter_code       AAAAAAA 
_entity_poly.pdbx_seq_one_letter_code_can   AAAAAAA 
_entity_poly.pdbx_strand_id                 A 
_entity_poly.pdbx_target_identifier         ? 
# 
loop_
_entity_poly_seq.entity_id 
_entity_poly_seq.num 
_entity_poly_seq.mon_id 
_entity_poly_seq.hetero 
1 1 A n 
1 2 A n 
1 3 A n 
1 4 A n 
1 5 A n 
1 6 A n 
1 7 A n 
# 
_pdbx_entity_src_syn.entity_id              1 
_pdbx_entity_src_syn.pdbx_src_id            1 
_pdbx_entity_src_syn.pdbx_alt_source_flag   sample 
_pdbx_entity_src_syn.pdbx_beg_seq_num       1 
_pdbx_entity_src_syn.pdbx_end_seq_num       7 
_pdbx_entity_src_syn.organism_scientific    'synthetic construct' 
_pdbx_entity_src_syn.organism_common_name   ? 
_pdbx_entity_src_syn.ncbi_taxonomy_id       32630 
_pdbx_entity_src_syn.details                ? 
# 
_struct_ref.id                         1 
_struct_ref.db_name                    PDB 
_struct_ref.db_code                    5K8H 
_struct_ref.pdbx_db_accession          5K8H 
_struct_ref.pdbx_db_isoform            ? 
_struct_ref.entity_id                  1 
_struct_ref.pdbx_seq_one_letter_code   ? 
_struct_ref.pdbx_align_begin           1 
# 
_struct_ref_seq.align_id                      1 
_struct_ref_seq.ref_id                        1 
_struct_ref_seq.pdbx_PDB_id_code              5K8H 
_struct_ref_seq.pdbx_strand_id                A 
_struct_ref_seq.seq_align_beg                 1 
_struct_ref_seq.pdbx_seq_align_beg_ins_code   ? 
_struct_ref_seq.seq_align_end                 7 
_struct_ref_seq.pdbx_seq_align_end_ins_code   ? 
_struct_ref_seq.pdbx_db_accession             5K8H 
_struct_ref_seq.db_align_beg                  0 
_struct_ref_seq.pdbx_db_align_beg_ins_code    ? 
_struct_ref_seq.db_align_end                  6 
_struct_ref_seq.pdbx_db_align_end_ins_code    ? 
_struct_ref_seq.pdbx_auth_seq_align_beg       0 
_struct_ref_seq.pdbx_auth_seq_align_end       6 
# 
loop_
_chem_comp.id 
_chem_comp.type 
_chem_comp.mon_nstd_flag 
_chem_comp.name 
_chem_comp.pdbx_synonyms 
_chem_comp.formula 
_chem_comp.formula_weight 
A   'RNA linking' y "ADENOSINE-5'-MONOPHOSPHATE" ? 'C10 H14 N5 O7 P' 347.221 
HOH non-polymer   . WATER                        ? 'H2 O'            18.015  
NH4 non-polymer   . 'AMMONIUM ION'               ? 'H4 N 1'          18.038  
# 
_exptl.absorpt_coefficient_mu     ? 
_exptl.absorpt_correction_T_max   ? 
_exptl.absorpt_correction_T_min   ? 
_exptl.absorpt_correction_type    ? 
_exptl.absorpt_process_details    ? 
_exptl.entry_id                   5K8H 
_exptl.crystals_number            1 
_exptl.details                    ? 
_exptl.method                     'X-RAY DIFFRACTION' 
_exptl.method_details             ? 
# 
_exptl_crystal.colour                      ? 
_exptl_crystal.density_diffrn              ? 
_exptl_crystal.density_Matthews            1.33 
_exptl_crystal.density_method              ? 
_exptl_crystal.density_percent_sol         8 
_exptl_crystal.description                 ? 
_exptl_crystal.F_000                       ? 
_exptl_crystal.id                          1 
_exptl_crystal.preparation                 ? 
_exptl_crystal.size_max                    ? 
_exptl_crystal.size_mid                    ? 
_exptl_crystal.size_min                    ? 
_exptl_crystal.size_rad                    ? 
_exptl_crystal.colour_lustre               ? 
_exptl_crystal.colour_modifier             ? 
_exptl_crystal.colour_primary              ? 
_exptl_crystal.density_meas                ? 
_exptl_crystal.density_meas_esd            ? 
_exptl_crystal.density_meas_gt             ? 
_exptl_crystal.density_meas_lt             ? 
_exptl_crystal.density_meas_temp           ? 
_exptl_crystal.density_meas_temp_esd       ? 
_exptl_crystal.density_meas_temp_gt        ? 
_exptl_crystal.density_meas_temp_lt        ? 
_exptl_crystal.pdbx_crystal_image_url      ? 
_exptl_crystal.pdbx_crystal_image_format   ? 
_exptl_crystal.pdbx_mosaicity              ? 
_exptl_crystal.pdbx_mosaicity_esd          ? 
# 
_exptl_crystal_grow.apparatus       ? 
_exptl_crystal_grow.atmosphere      ? 
_exptl_crystal_grow.crystal_id      1 
_exptl_crystal_grow.details         ? 
_exptl_crystal_grow.method          'VAPOR DIFFUSION, HANGING DROP' 
_exptl_crystal_grow.method_ref      ? 
_exptl_crystal_grow.pH              3.5 
_exptl_crystal_grow.pressure        ? 
_exptl_crystal_grow.pressure_esd    ? 
_exptl_crystal_grow.seeding         ? 
_exptl_crystal_grow.seeding_ref     ? 
_exptl_crystal_grow.temp            293.15 
_exptl_crystal_grow.temp_details    ? 
_exptl_crystal_grow.temp_esd        ? 
_exptl_crystal_grow.time            ? 
_exptl_crystal_grow.pdbx_details    
;rA7 dissolved in water to 10 mM and was diluted 1/10 v/v in 0.75% PEG 1000. One uL of this was mixed with 1 uL of the following reservoir solution: (0.24 M ammonium sulfate and 0.06 M citric acid pH 3.5) to generate a hanging drop over 1 mL of this reservoir solution.
;
_exptl_crystal_grow.pdbx_pH_range   ? 
# 
_diffrn.ambient_environment    ? 
_diffrn.ambient_temp           100 
_diffrn.ambient_temp_details   ? 
_diffrn.ambient_temp_esd       ? 
_diffrn.crystal_id             1 
_diffrn.crystal_support        ? 
_diffrn.crystal_treatment      ? 
_diffrn.details                ? 
_diffrn.id                     1 
_diffrn.ambient_pressure       ? 
_diffrn.ambient_pressure_esd   ? 
_diffrn.ambient_pressure_gt    ? 
_diffrn.ambient_pressure_lt    ? 
_diffrn.ambient_temp_gt        ? 
_diffrn.ambient_temp_lt        ? 
# 
_diffrn_detector.details                      ? 
_diffrn_detector.detector                     PIXEL 
_diffrn_detector.diffrn_id                    1 
_diffrn_detector.type                         'DECTRIS PILATUS 6M' 
_diffrn_detector.area_resol_mean              ? 
_diffrn_detector.dtime                        ? 
_diffrn_detector.pdbx_frames_total            ? 
_diffrn_detector.pdbx_collection_time_total   ? 
_diffrn_detector.pdbx_collection_date         2015-03-22 
# 
_diffrn_radiation.collimation                      ? 
_diffrn_radiation.diffrn_id                        1 
_diffrn_radiation.filter_edge                      ? 
_diffrn_radiation.inhomogeneity                    ? 
_diffrn_radiation.monochromator                    ? 
_diffrn_radiation.polarisn_norm                    ? 
_diffrn_radiation.polarisn_ratio                   ? 
_diffrn_radiation.probe                            ? 
_diffrn_radiation.type                             ? 
_diffrn_radiation.xray_symbol                      ? 
_diffrn_radiation.wavelength_id                    1 
_diffrn_radiation.pdbx_monochromatic_or_laue_m_l   M 
_diffrn_radiation.pdbx_wavelength_list             ? 
_diffrn_radiation.pdbx_wavelength                  ? 
_diffrn_radiation.pdbx_diffrn_protocol             'SINGLE WAVELENGTH' 
_diffrn_radiation.pdbx_analyzer                    ? 
_diffrn_radiation.pdbx_scattering_type             x-ray 
# 
_diffrn_radiation_wavelength.id           1 
_diffrn_radiation_wavelength.wavelength   0.95530 
_diffrn_radiation_wavelength.wt           1.0 
# 
_diffrn_source.current                     ? 
_diffrn_source.details                     ? 
_diffrn_source.diffrn_id                   1 
_diffrn_source.power                       ? 
_diffrn_source.size                        ? 
_diffrn_source.source                      SYNCHROTRON 
_diffrn_source.target                      ? 
_diffrn_source.type                        'SSRL BEAMLINE BL12-2' 
_diffrn_source.voltage                     ? 
_diffrn_source.take-off_angle              ? 
_diffrn_source.pdbx_wavelength_list        0.95530 
_diffrn_source.pdbx_wavelength             ? 
_diffrn_source.pdbx_synchrotron_beamline   BL12-2 
_diffrn_source.pdbx_synchrotron_site       SSRL 
# 
_reflns.B_iso_Wilson_estimate            ? 
_reflns.entry_id                         5K8H 
_reflns.data_reduction_details           ? 
_reflns.data_reduction_method            ? 
_reflns.d_resolution_high                1.069 
_reflns.d_resolution_low                 21.25 
_reflns.details                          ? 
_reflns.limit_h_max                      ? 
_reflns.limit_h_min                      ? 
_reflns.limit_k_max                      ? 
_reflns.limit_k_min                      ? 
_reflns.limit_l_max                      ? 
_reflns.limit_l_min                      ? 
_reflns.number_all                       ? 
_reflns.number_obs                       1679 
_reflns.observed_criterion               ? 
_reflns.observed_criterion_F_max         ? 
_reflns.observed_criterion_F_min         ? 
_reflns.observed_criterion_I_max         ? 
_reflns.observed_criterion_I_min         ? 
_reflns.observed_criterion_sigma_F       ? 
_reflns.observed_criterion_sigma_I       ? 
_reflns.percent_possible_obs             97.6 
_reflns.R_free_details                   ? 
_reflns.Rmerge_F_all                     ? 
_reflns.Rmerge_F_obs                     ? 
_reflns.Friedel_coverage                 ? 
_reflns.number_gt                        ? 
_reflns.threshold_expression             ? 
_reflns.pdbx_redundancy                  19.3 
_reflns.pdbx_Rmerge_I_obs                0.127 
_reflns.pdbx_Rmerge_I_all                ? 
_reflns.pdbx_Rsym_value                  ? 
_reflns.pdbx_netI_over_av_sigmaI         ? 
_reflns.pdbx_netI_over_sigmaI            15 
_reflns.pdbx_res_netI_over_av_sigmaI_2   ? 
_reflns.pdbx_res_netI_over_sigmaI_2      ? 
_reflns.pdbx_chi_squared                 ? 
_reflns.pdbx_scaling_rejects             ? 
_reflns.pdbx_d_res_high_opt              ? 
_reflns.pdbx_d_res_low_opt               ? 
_reflns.pdbx_d_res_opt_method            ? 
_reflns.phase_calculation_details        ? 
_reflns.pdbx_Rrim_I_all                  ? 
_reflns.pdbx_Rpim_I_all                  0.032 
_reflns.pdbx_d_opt                       ? 
_reflns.pdbx_number_measured_all         ? 
_reflns.pdbx_diffrn_id                   1 
_reflns.pdbx_ordinal                     1 
_reflns.pdbx_CC_half                     0.994 
_reflns.pdbx_R_split                     ? 
# 
_reflns_shell.d_res_high                  1.069 
_reflns_shell.d_res_low                   1.14 
_reflns_shell.meanI_over_sigI_all         ? 
_reflns_shell.meanI_over_sigI_obs         3.1 
_reflns_shell.number_measured_all         ? 
_reflns_shell.number_measured_obs         ? 
_reflns_shell.number_possible             ? 
_reflns_shell.number_unique_all           247 
_reflns_shell.number_unique_obs           ? 
_reflns_shell.percent_possible_all        87.2 
_reflns_shell.percent_possible_obs        ? 
_reflns_shell.Rmerge_F_all                ? 
_reflns_shell.Rmerge_F_obs                ? 
_reflns_shell.Rmerge_I_all                ? 
_reflns_shell.Rmerge_I_obs                1.059 
_reflns_shell.meanI_over_sigI_gt          ? 
_reflns_shell.meanI_over_uI_all           ? 
_reflns_shell.meanI_over_uI_gt            ? 
_reflns_shell.number_measured_gt          ? 
_reflns_shell.number_unique_gt            ? 
_reflns_shell.percent_possible_gt         ? 
_reflns_shell.Rmerge_F_gt                 ? 
_reflns_shell.Rmerge_I_gt                 ? 
_reflns_shell.pdbx_redundancy             8.9 
_reflns_shell.pdbx_Rsym_value             ? 
_reflns_shell.pdbx_chi_squared            ? 
_reflns_shell.pdbx_netI_over_sigmaI_all   ? 
_reflns_shell.pdbx_netI_over_sigmaI_obs   ? 
_reflns_shell.pdbx_Rrim_I_all             ? 
_reflns_shell.pdbx_Rpim_I_all             0.333 
_reflns_shell.pdbx_rejects                ? 
_reflns_shell.pdbx_ordinal                1 
_reflns_shell.pdbx_diffrn_id              1 
_reflns_shell.pdbx_CC_half                0.987 
_reflns_shell.pdbx_R_split                ? 
# 
_refine.aniso_B[1][1]                            ? 
_refine.aniso_B[1][2]                            ? 
_refine.aniso_B[1][3]                            ? 
_refine.aniso_B[2][2]                            ? 
_refine.aniso_B[2][3]                            ? 
_refine.aniso_B[3][3]                            ? 
_refine.B_iso_max                                ? 
_refine.B_iso_mean                               ? 
_refine.B_iso_min                                ? 
_refine.correlation_coeff_Fo_to_Fc               ? 
_refine.correlation_coeff_Fo_to_Fc_free          ? 
_refine.details                                  ? 
_refine.diff_density_max                         ? 
_refine.diff_density_max_esd                     ? 
_refine.diff_density_min                         ? 
_refine.diff_density_min_esd                     ? 
_refine.diff_density_rms                         ? 
_refine.diff_density_rms_esd                     ? 
_refine.entry_id                                 5K8H 
_refine.pdbx_refine_id                           'X-RAY DIFFRACTION' 
_refine.ls_abs_structure_details                 ? 
_refine.ls_abs_structure_Flack                   ? 
_refine.ls_abs_structure_Flack_esd               ? 
_refine.ls_abs_structure_Rogers                  ? 
_refine.ls_abs_structure_Rogers_esd              ? 
_refine.ls_d_res_high                            1.069 
_refine.ls_d_res_low                             15.028 
_refine.ls_extinction_coef                       ? 
_refine.ls_extinction_coef_esd                   ? 
_refine.ls_extinction_expression                 ? 
_refine.ls_extinction_method                     ? 
_refine.ls_goodness_of_fit_all                   ? 
_refine.ls_goodness_of_fit_all_esd               ? 
_refine.ls_goodness_of_fit_obs                   ? 
_refine.ls_goodness_of_fit_obs_esd               ? 
_refine.ls_hydrogen_treatment                    ? 
_refine.ls_matrix_type                           ? 
_refine.ls_number_constraints                    ? 
_refine.ls_number_parameters                     ? 
_refine.ls_number_reflns_all                     ? 
_refine.ls_number_reflns_obs                     1619 
_refine.ls_number_reflns_R_free                  146 
_refine.ls_number_reflns_R_work                  1473 
_refine.ls_number_restraints                     ? 
_refine.ls_percent_reflns_obs                    94.84 
_refine.ls_percent_reflns_R_free                 9.02 
_refine.ls_R_factor_all                          ? 
_refine.ls_R_factor_obs                          0.1063 
_refine.ls_R_factor_R_free                       0.1080 
_refine.ls_R_factor_R_free_error                 ? 
_refine.ls_R_factor_R_free_error_details         ? 
_refine.ls_R_factor_R_work                       0.1061 
_refine.ls_R_Fsqd_factor_obs                     ? 
_refine.ls_R_I_factor_obs                        ? 
_refine.ls_redundancy_reflns_all                 ? 
_refine.ls_redundancy_reflns_obs                 ? 
_refine.ls_restrained_S_all                      ? 
_refine.ls_restrained_S_obs                      ? 
_refine.ls_shift_over_esd_max                    ? 
_refine.ls_shift_over_esd_mean                   ? 
_refine.ls_structure_factor_coef                 ? 
_refine.ls_weighting_details                     ? 
_refine.ls_weighting_scheme                      ? 
_refine.ls_wR_factor_all                         ? 
_refine.ls_wR_factor_obs                         ? 
_refine.ls_wR_factor_R_free                      ? 
_refine.ls_wR_factor_R_work                      ? 
_refine.occupancy_max                            ? 
_refine.occupancy_min                            ? 
_refine.solvent_model_details                    ? 
_refine.solvent_model_param_bsol                 ? 
_refine.solvent_model_param_ksol                 ? 
_refine.ls_R_factor_gt                           ? 
_refine.ls_goodness_of_fit_gt                    ? 
_refine.ls_goodness_of_fit_ref                   ? 
_refine.ls_shift_over_su_max                     ? 
_refine.ls_shift_over_su_max_lt                  ? 
_refine.ls_shift_over_su_mean                    ? 
_refine.ls_shift_over_su_mean_lt                 ? 
_refine.pdbx_ls_sigma_I                          ? 
_refine.pdbx_ls_sigma_F                          ? 
_refine.pdbx_ls_sigma_Fsqd                       ? 
_refine.pdbx_data_cutoff_high_absF               ? 
_refine.pdbx_data_cutoff_high_rms_absF           ? 
_refine.pdbx_data_cutoff_low_absF                ? 
_refine.pdbx_isotropic_thermal_model             ? 
_refine.pdbx_ls_cross_valid_method               'FREE R-VALUE' 
_refine.pdbx_method_to_determine_struct          'MOLECULAR REPLACEMENT' 
_refine.pdbx_starting_model                      'rA2 section of the 4JRD' 
_refine.pdbx_stereochemistry_target_values       ? 
_refine.pdbx_R_Free_selection_details            ? 
_refine.pdbx_stereochem_target_val_spec_case     ? 
_refine.pdbx_overall_ESU_R                       ? 
_refine.pdbx_overall_ESU_R_Free                  ? 
_refine.pdbx_solvent_vdw_probe_radii             ? 
_refine.pdbx_solvent_ion_probe_radii             ? 
_refine.pdbx_solvent_shrinkage_radii             ? 
_refine.pdbx_real_space_R                        ? 
_refine.pdbx_density_correlation                 ? 
_refine.pdbx_pd_number_of_powder_patterns        ? 
_refine.pdbx_pd_number_of_points                 ? 
_refine.pdbx_pd_meas_number_of_points            ? 
_refine.pdbx_pd_proc_ls_prof_R_factor            ? 
_refine.pdbx_pd_proc_ls_prof_wR_factor           ? 
_refine.pdbx_pd_Marquardt_correlation_coeff      ? 
_refine.pdbx_pd_Fsqrd_R_factor                   ? 
_refine.pdbx_pd_ls_matrix_band_width             ? 
_refine.pdbx_overall_phase_error                 ? 
_refine.pdbx_overall_SU_R_free_Cruickshank_DPI   ? 
_refine.pdbx_overall_SU_R_free_Blow_DPI          ? 
_refine.pdbx_overall_SU_R_Blow_DPI               ? 
_refine.pdbx_TLS_residual_ADP_flag               ? 
_refine.pdbx_diffrn_id                           1 
_refine.overall_SU_B                             ? 
_refine.overall_SU_ML                            ? 
_refine.overall_SU_R_Cruickshank_DPI             ? 
_refine.overall_SU_R_free                        ? 
_refine.overall_FOM_free_R_set                   ? 
_refine.overall_FOM_work_R_set                   ? 
_refine.pdbx_average_fsc_overall                 ? 
_refine.pdbx_average_fsc_work                    ? 
_refine.pdbx_average_fsc_free                    ? 
# 
_refine_hist.pdbx_refine_id                   'X-RAY DIFFRACTION' 
_refine_hist.cycle_id                         LAST 
_refine_hist.pdbx_number_atoms_protein        0 
_refine_hist.pdbx_number_atoms_nucleic_acid   44 
_refine_hist.pdbx_number_atoms_ligand         1 
_refine_hist.number_atoms_solvent             8 
_refine_hist.number_atoms_total               53 
_refine_hist.d_res_high                       1.069 
_refine_hist.d_res_low                        15.028 
# 
_refine_ls_shell.R_factor_R_free                  0.3975 
_refine_ls_shell.R_factor_R_free_error            ? 
_refine_ls_shell.R_factor_R_work                  0.3180 
_refine_ls_shell.R_factor_all                     ? 
_refine_ls_shell.R_factor_obs                     0.318 
_refine_ls_shell.d_res_high                       1.069 
_refine_ls_shell.d_res_low                        1.107 
_refine_ls_shell.number_reflns_R_free             ? 
_refine_ls_shell.number_reflns_R_work             ? 
_refine_ls_shell.number_reflns_all                ? 
_refine_ls_shell.number_reflns_obs                ? 
_refine_ls_shell.pdbx_fsc_free                    ? 
_refine_ls_shell.pdbx_fsc_work                    ? 
_refine_ls_shell.pdbx_phase_error                 ? 
_refine_ls_shell.pdbx_refine_id                   'X-RAY DIFFRACTION' 
_refine_ls_shell.pdbx_total_number_of_bins_used   ? 
_refine_ls_shell.percent_reflns_R_free            ? 
_refine_ls_shell.percent_reflns_obs               ? 
_refine_ls_shell.redundancy_reflns_all            ? 
_refine_ls_shell.redundancy_reflns_obs            ? 
_refine_ls_shell.wR_factor_R_free                 ? 
_refine_ls_shell.wR_factor_R_work                 ? 
_refine_ls_shell.wR_factor_all                    ? 
_refine_ls_shell.wR_factor_obs                    ? 
# 
_struct.entry_id                     5K8H 
_struct.title                        
'The X-ray crystal structure of a parallel poly(rA) double helix generated by rA7 at acidic pH' 
_struct.pdbx_model_details           ? 
_struct.pdbx_formula_weight          ? 
_struct.pdbx_formula_weight_method   ? 
_struct.pdbx_model_type_details      ? 
_struct.pdbx_CASP_flag               N 
# 
_struct_keywords.entry_id        5K8H 
_struct_keywords.text            'parallel double-helix poly(rA) acidic pH adenine N1 protonation, RNA' 
_struct_keywords.pdbx_keywords   RNA 
# 
loop_
_struct_asym.id 
_struct_asym.pdbx_blank_PDB_chainid_flag 
_struct_asym.pdbx_modified 
_struct_asym.entity_id 
_struct_asym.details 
A N N 1 ? 
B N N 2 ? 
C N N 3 ? 
# 
_struct_biol.id        1 
_struct_biol.details   
;The asymmetric unit is rA2, however the input RNA polymer is rA7, and this forms a continual parallel poly(rA) double helix structure. This structure is referred to as a "staggered zipper" since the rA7 strands overlap in a many different registers relative to their opposite, paired strands, to form the helix.
;
# 
loop_
_struct_conn.id 
_struct_conn.conn_type_id 
_struct_conn.pdbx_leaving_atom_flag 
_struct_conn.pdbx_PDB_id 
_struct_conn.ptnr1_label_asym_id 
_struct_conn.ptnr1_label_comp_id 
_struct_conn.ptnr1_label_seq_id 
_struct_conn.ptnr1_label_atom_id 
_struct_conn.pdbx_ptnr1_label_alt_id 
_struct_conn.pdbx_ptnr1_PDB_ins_code 
_struct_conn.pdbx_ptnr1_standard_comp_id 
_struct_conn.ptnr1_symmetry 
_struct_conn.ptnr2_label_asym_id 
_struct_conn.ptnr2_label_comp_id 
_struct_conn.ptnr2_label_seq_id 
_struct_conn.ptnr2_label_atom_id 
_struct_conn.pdbx_ptnr2_label_alt_id 
_struct_conn.pdbx_ptnr2_PDB_ins_code 
_struct_conn.ptnr1_auth_asym_id 
_struct_conn.ptnr1_auth_comp_id 
_struct_conn.ptnr1_auth_seq_id 
_struct_conn.ptnr2_auth_asym_id 
_struct_conn.ptnr2_auth_comp_id 
_struct_conn.ptnr2_auth_seq_id 
_struct_conn.ptnr2_symmetry 
_struct_conn.pdbx_ptnr3_label_atom_id 
_struct_conn.pdbx_ptnr3_label_seq_id 
_struct_conn.pdbx_ptnr3_label_comp_id 
_struct_conn.pdbx_ptnr3_label_asym_id 
_struct_conn.pdbx_ptnr3_label_alt_id 
_struct_conn.pdbx_ptnr3_PDB_ins_code 
_struct_conn.details 
_struct_conn.pdbx_dist_value 
_struct_conn.pdbx_value_order 
_struct_conn.pdbx_role 
hydrog1 hydrog ? ? A A 2 N6 ? ? ? 1_555 A A 2 N7 ? ? A A 1 A A 1 2_835 ? ? ? ? ? ? TYPE_2_PAIR ? ? ? 
hydrog2 hydrog ? ? A A 2 N7 ? ? ? 1_555 A A 2 N6 ? ? A A 1 A A 1 2_835 ? ? ? ? ? ? TYPE_2_PAIR ? ? ? 
hydrog3 hydrog ? ? A A 3 N6 ? ? ? 1_555 A A 3 N7 ? ? A A 2 A A 2 2_835 ? ? ? ? ? ? TYPE_2_PAIR ? ? ? 
hydrog4 hydrog ? ? A A 3 N7 ? ? ? 1_555 A A 3 N6 ? ? A A 2 A A 2 2_835 ? ? ? ? ? ? TYPE_2_PAIR ? ? ? 
# 
_struct_conn_type.id          hydrog 
_struct_conn_type.criteria    ? 
_struct_conn_type.reference   ? 
# 
_struct_site.id                   AC1 
_struct_site.pdbx_evidence_code   Software 
_struct_site.pdbx_auth_asym_id    A 
_struct_site.pdbx_auth_comp_id    NH4 
_struct_site.pdbx_auth_seq_id     101 
_struct_site.pdbx_auth_ins_code   ? 
_struct_site.pdbx_num_residues    4 
_struct_site.details              'binding site for residue NH4 A 101' 
# 
loop_
_struct_site_gen.id 
_struct_site_gen.site_id 
_struct_site_gen.pdbx_num_res 
_struct_site_gen.label_comp_id 
_struct_site_gen.label_asym_id 
_struct_site_gen.label_seq_id 
_struct_site_gen.pdbx_auth_ins_code 
_struct_site_gen.auth_comp_id 
_struct_site_gen.auth_asym_id 
_struct_site_gen.auth_seq_id 
_struct_site_gen.label_atom_id 
_struct_site_gen.label_alt_id 
_struct_site_gen.symmetry 
_struct_site_gen.details 
1 AC1 4 A A 2 ? A A 1 . ? 7_736 ? 
2 AC1 4 A A 2 ? A A 1 . ? 4_755 ? 
3 AC1 4 A A 2 ? A A 1 . ? 1_555 ? 
4 AC1 4 A A 3 ? A A 2 . ? 1_555 ? 
# 
_atom_sites.entry_id                    5K8H 
_atom_sites.fract_transf_matrix[1][1]   -0.04571478 
_atom_sites.fract_transf_matrix[1][2]   -0.00547759 
_atom_sites.fract_transf_matrix[1][3]   -0.00970257 
_atom_sites.fract_transf_matrix[2][1]   -0.01076667 
_atom_sites.fract_transf_matrix[2][2]   0.03226240 
_atom_sites.fract_transf_matrix[2][3]   0.03251463 
_atom_sites.fract_transf_matrix[3][1]   0.00407757 
_atom_sites.fract_transf_matrix[3][2]   0.04807688 
_atom_sites.fract_transf_matrix[3][3]   -0.04635372 
_atom_sites.fract_transf_vector[1]      1.330665 
_atom_sites.fract_transf_vector[2]      -1.035759 
_atom_sites.fract_transf_vector[3]      0.459006 
# 
loop_
_atom_type.symbol 
C 
H 
N 
O 
P 
# 
loop_
_atom_site.group_PDB 
_atom_site.id 
_atom_site.type_symbol 
_atom_site.label_atom_id 
_atom_site.label_alt_id 
_atom_site.label_comp_id 
_atom_site.label_asym_id 
_atom_site.label_entity_id 
_atom_site.label_seq_id 
_atom_site.pdbx_PDB_ins_code 
_atom_site.Cartn_x 
_atom_site.Cartn_y 
_atom_site.Cartn_z 
_atom_site.occupancy 
_atom_site.B_iso_or_equiv 
_atom_site.pdbx_formal_charge 
_atom_site.auth_seq_id 
_atom_site.auth_comp_id 
_atom_site.auth_asym_id 
_atom_site.auth_atom_id 
_atom_site.pdbx_PDB_model_num 
ATOM   1  P P      . A   A 1 2 ? -1.827 2.486  4.967  1.00 24.60 ? 1   A   A P      1 
ATOM   2  O OP1    . A   A 1 2 ? -1.737 3.964  5.084  1.00 29.35 ? 1   A   A OP1    1 
ATOM   3  O OP2    . A   A 1 2 ? -3.180 2.010  4.434  0.94 21.82 ? 1   A   A OP2    1 
ATOM   4  O "O5'"  . A   A 1 2 ? -0.641 1.768  4.108  0.83 21.42 ? 1   A   A "O5'"  1 
ATOM   5  C "C5'"  . A   A 1 2 ? 0.634  2.101  4.395  1.00 23.87 ? 1   A   A "C5'"  1 
ATOM   6  C "C4'"  . A   A 1 2 ? 1.630  1.220  3.737  1.00 24.23 ? 1   A   A "C4'"  1 
ATOM   7  O "O4'"  . A   A 1 2 ? 1.272  -0.122 4.109  1.00 25.07 ? 1   A   A "O4'"  1 
ATOM   8  C "C3'"  . A   A 1 2 ? 1.527  1.265  2.163  1.00 20.17 ? 1   A   A "C3'"  1 
ATOM   9  O "O3'"  . A   A 1 2 ? 2.274  2.227  1.634  1.00 20.55 ? 1   A   A "O3'"  1 
ATOM   10 C "C2'"  . A   A 1 2 ? 2.019  -0.100 1.887  1.00 22.79 ? 1   A   A "C2'"  1 
ATOM   11 O "O2'"  . A   A 1 2 ? 3.523  -0.166 1.963  1.00 28.45 ? 1   A   A "O2'"  1 
ATOM   12 C "C1'"  . A   A 1 2 ? 1.483  -0.945 3.014  1.00 22.56 ? 1   A   A "C1'"  1 
ATOM   13 N N9     . A   A 1 2 ? 0.138  -1.450 2.445  1.00 17.39 ? 1   A   A N9     1 
ATOM   14 C C8     . A   A 1 2 ? -1.053 -1.062 2.891  1.00 16.65 ? 1   A   A C8     1 
ATOM   15 N N7     . A   A 1 2 ? -2.067 -1.577 2.190  1.00 15.64 ? 1   A   A N7     1 
ATOM   16 C C5     . A   A 1 2 ? -1.458 -2.404 1.240  1.00 14.96 ? 1   A   A C5     1 
ATOM   17 C C6     . A   A 1 2 ? -2.078 -3.129 0.209  1.00 16.26 ? 1   A   A C6     1 
ATOM   18 N N6     . A   A 1 2 ? -3.265 -3.269 -0.084 1.00 16.19 ? 1   A   A N6     1 
ATOM   19 N N1     . A   A 1 2 ? -1.062 -3.736 -0.525 1.00 19.86 ? 1   A   A N1     1 
ATOM   20 C C2     . A   A 1 2 ? 0.327  -3.662 -0.270 1.00 22.78 ? 1   A   A C2     1 
ATOM   21 N N3     . A   A 1 2 ? 0.822  -2.944 0.698  1.00 20.13 ? 1   A   A N3     1 
ATOM   22 C C4     . A   A 1 2 ? -0.112 -2.346 1.392  1.00 17.28 ? 1   A   A C4     1 
ATOM   23 H "H5'"  . A   A 1 2 ? 0.761  2.051  5.355  1.00 28.65 ? 1   A   A "H5'"  1 
ATOM   24 H "H5''" . A   A 1 2 ? 0.790  3.015  4.107  1.00 28.65 ? 1   A   A "H5''" 1 
ATOM   25 H "H4'"  . A   A 1 2 ? 2.529  1.431  4.032  1.00 29.08 ? 1   A   A "H4'"  1 
ATOM   26 H "H3'"  . A   A 1 2 ? 0.603  1.356  1.885  1.00 24.20 ? 1   A   A "H3'"  1 
ATOM   27 H "H2'"  . A   A 1 2 ? 1.698  -0.420 1.030  1.00 27.35 ? 1   A   A "H2'"  1 
ATOM   28 H "H1'"  . A   A 1 2 ? 2.081  -1.679 3.224  1.00 27.07 ? 1   A   A "H1'"  1 
ATOM   29 H H8     . A   A 1 2 ? -1.168 -0.464 3.594  1.00 19.98 ? 1   A   A H8     1 
ATOM   30 H H61    . A   A 1 2 ? -3.872 -2.883 0.387  1.00 19.43 ? 1   A   A H61    1 
ATOM   31 H H62    . A   A 1 2 ? -3.487 -3.753 -0.759 1.00 19.43 ? 1   A   A H62    1 
ATOM   32 H H2     . A   A 1 2 ? 0.911  -4.123 -0.829 1.00 27.34 ? 1   A   A H2     1 
ATOM   33 P P      . A   A 1 3 ? 1.751  2.910  0.305  0.82 15.69 ? 2   A   A P      1 
ATOM   34 O OP1    . A   A 1 3 ? 2.730  3.999  0.012  0.99 19.66 ? 2   A   A OP1    1 
ATOM   35 O OP2    . A   A 1 3 ? 0.354  3.269  0.456  0.90 17.35 ? 2   A   A OP2    1 
ATOM   36 O "O5'"  . A   A 1 3 ? 1.741  1.724  -0.805 0.95 15.49 ? 2   A   A "O5'"  1 
ATOM   37 C "C5'"  . A   A 1 3 ? 2.982  1.206  -1.356 1.00 18.49 ? 2   A   A "C5'"  1 
ATOM   38 C "C4'"  . A   A 1 3 ? 2.750  0.177  -2.423 1.00 17.40 ? 2   A   A "C4'"  1 
ATOM   39 O "O4'"  . A   A 1 3 ? 1.939  -0.873 -1.876 1.00 15.30 ? 2   A   A "O4'"  1 
ATOM   40 C "C3'"  . A   A 1 3 ? 1.928  0.633  -3.650 1.00 17.98 ? 2   A   A "C3'"  1 
ATOM   41 O "O3'"  . A   A 1 3 ? 2.711  1.367  -4.515 1.00 21.68 ? 2   A   A "O3'"  1 
ATOM   42 C "C2'"  . A   A 1 3 ? 1.335  -0.664 -4.132 1.00 17.69 ? 2   A   A "C2'"  1 
ATOM   43 O "O2'"  . A   A 1 3 ? 2.328  -1.366 -4.895 1.00 20.81 ? 2   A   A "O2'"  1 
ATOM   44 C "C1'"  . A   A 1 3 ? 1.035  -1.360 -2.857 1.00 15.37 ? 2   A   A "C1'"  1 
ATOM   45 N N9     . A   A 1 3 ? -0.365 -0.993 -2.465 1.00 14.59 ? 2   A   A N9     1 
ATOM   46 C C8     . A   A 1 3 ? -0.727 -0.125 -1.447 1.00 14.12 ? 2   A   A C8     1 
ATOM   47 N N7     . A   A 1 3 ? -2.012 0.066  -1.439 1.00 12.38 ? 2   A   A N7     1 
ATOM   48 C C5     . A   A 1 3 ? -2.491 -0.731 -2.479 1.00 11.91 ? 2   A   A C5     1 
ATOM   49 C C6     . A   A 1 3 ? -3.761 -0.872 -2.994 1.00 12.06 ? 2   A   A C6     1 
ATOM   50 N N6     . A   A 1 3 ? -4.840 -0.311 -2.562 1.00 13.45 ? 2   A   A N6     1 
ATOM   51 N N1     . A   A 1 3 ? -3.880 -1.725 -4.061 1.00 14.25 ? 2   A   A N1     1 
ATOM   52 C C2     . A   A 1 3 ? -2.831 -2.288 -4.565 1.00 16.50 ? 2   A   A C2     1 
ATOM   53 N N3     . A   A 1 3 ? -1.619 -2.241 -4.141 1.00 16.39 ? 2   A   A N3     1 
ATOM   54 C C4     . A   A 1 3 ? -1.479 -1.405 -3.121 1.00 13.65 ? 2   A   A C4     1 
ATOM   55 H "H5'"  . A   A 1 3 ? 3.499  0.804  -0.640 1.00 22.19 ? 2   A   A "H5'"  1 
ATOM   56 H "H5''" . A   A 1 3 ? 3.489  1.942  -1.735 1.00 22.19 ? 2   A   A "H5''" 1 
ATOM   57 H "H4'"  . A   A 1 3 ? 3.600  -0.187 -2.716 1.00 20.89 ? 2   A   A "H4'"  1 
ATOM   58 H "H3'"  . A   A 1 3 ? 1.205  1.200  -3.340 1.00 21.57 ? 2   A   A "H3'"  1 
ATOM   59 H "H2'"  . A   A 1 3 ? 0.529  -0.512 -4.650 1.00 21.23 ? 2   A   A "H2'"  1 
ATOM   60 H "H1'"  . A   A 1 3 ? 1.124  -2.320 -2.960 1.00 18.45 ? 2   A   A "H1'"  1 
ATOM   61 H H8     . A   A 1 3 ? -0.128 0.284  -0.865 1.00 16.94 ? 2   A   A H8     1 
ATOM   62 H H61    . A   A 1 3 ? -4.805 0.230  -1.895 1.00 16.15 ? 2   A   A H61    1 
ATOM   63 H H62    . A   A 1 3 ? -5.594 -0.478 -2.942 1.00 16.15 ? 2   A   A H62    1 
ATOM   64 H H2     . A   A 1 3 ? -2.986 -2.865 -5.278 1.00 19.80 ? 2   A   A H2     1 
HETATM 65 N N      . NH4 B 2 . ? -0.937 4.819  2.279  1.00 18.54 ? 101 NH4 A N      1 
HETATM 66 O O      . HOH C 3 . ? 5.407  1.492  2.891  1.00 56.51 ? 201 HOH A O      1 
HETATM 67 O O      . HOH C 3 . ? -5.949 2.534  4.991  1.00 30.00 ? 202 HOH A O      1 
HETATM 68 O O      . HOH C 3 . ? -2.920 7.531  2.803  1.00 50.40 ? 203 HOH A O      1 
HETATM 69 O O      . HOH C 3 . ? 5.810  0.644  4.509  0.31 30.00 ? 204 HOH A O      1 
HETATM 70 O O      . HOH C 3 . ? -4.922 5.392  5.616  1.00 52.34 ? 205 HOH A O      1 
HETATM 71 O O      . HOH C 3 . ? 5.751  3.551  -2.576 1.00 61.79 ? 206 HOH A O      1 
HETATM 72 O O      . HOH C 3 . ? -0.809 -3.781 -7.774 1.00 64.56 ? 207 HOH A O      1 
HETATM 73 O O      . HOH C 3 . ? 1.044  -5.334 -4.414 1.00 33.52 ? 208 HOH A O      1 
# 
loop_
_atom_site_anisotrop.id 
_atom_site_anisotrop.type_symbol 
_atom_site_anisotrop.pdbx_label_atom_id 
_atom_site_anisotrop.pdbx_label_alt_id 
_atom_site_anisotrop.pdbx_label_comp_id 
_atom_site_anisotrop.pdbx_label_asym_id 
_atom_site_anisotrop.pdbx_label_seq_id 
_atom_site_anisotrop.pdbx_PDB_ins_code 
_atom_site_anisotrop.U[1][1] 
_atom_site_anisotrop.U[2][2] 
_atom_site_anisotrop.U[3][3] 
_atom_site_anisotrop.U[1][2] 
_atom_site_anisotrop.U[1][3] 
_atom_site_anisotrop.U[2][3] 
_atom_site_anisotrop.pdbx_auth_seq_id 
_atom_site_anisotrop.pdbx_auth_comp_id 
_atom_site_anisotrop.pdbx_auth_asym_id 
_atom_site_anisotrop.pdbx_auth_atom_id 
1  P P     . A   A 2 ? 0.5525 0.1917 0.1904 -0.1111 -0.0503 0.0355  1   A   A P     
2  O OP1   . A   A 2 ? 0.6583 0.2273 0.2294 -0.1339 -0.0383 0.0382  1   A   A OP1   
3  O OP2   . A   A 2 ? 0.5063 0.1550 0.1676 -0.0279 -0.0556 0.0305  1   A   A OP2   
4  O "O5'" . A   A 2 ? 0.4179 0.2420 0.1539 -0.1622 0.0129  0.0090  1   A   A "O5'" 
5  C "C5'" . A   A 2 ? 0.4322 0.2944 0.1804 -0.1898 -0.0264 0.0481  1   A   A "C5'" 
6  C "C4'" . A   A 2 ? 0.3419 0.3346 0.2444 -0.1587 -0.0488 0.0528  1   A   A "C4'" 
7  O "O4'" . A   A 2 ? 0.3722 0.3514 0.2291 -0.1482 -0.0743 0.1237  1   A   A "O4'" 
8  C "C3'" . A   A 2 ? 0.2742 0.2534 0.2387 -0.0934 -0.0528 0.1299  1   A   A "C3'" 
9  O "O3'" . A   A 2 ? 0.2579 0.3063 0.2166 -0.0953 -0.0299 0.0932  1   A   A "O3'" 
10 C "C2'" . A   A 2 ? 0.2381 0.3844 0.2434 -0.1356 -0.0701 0.1533  1   A   A "C2'" 
11 O "O2'" . A   A 2 ? 0.3143 0.4447 0.3220 -0.0811 -0.0221 0.2061  1   A   A "O2'" 
12 C "C1'" . A   A 2 ? 0.2533 0.3319 0.2719 -0.0804 -0.0603 0.1265  1   A   A "C1'" 
13 N N9    . A   A 2 ? 0.2652 0.2317 0.1636 -0.0583 0.0138  0.0726  1   A   A N9    
14 C C8    . A   A 2 ? 0.2892 0.2008 0.1426 -0.0526 0.0231  0.0445  1   A   A C8    
15 N N7    . A   A 2 ? 0.2513 0.1847 0.1582 -0.0283 -0.0044 0.0591  1   A   A N7    
16 C C5    . A   A 2 ? 0.2094 0.1849 0.1741 0.0029  0.0259  0.0910  1   A   A C5    
17 C C6    . A   A 2 ? 0.3338 0.1387 0.1454 -0.0108 0.0452  0.0484  1   A   A C6    
18 N N6    . A   A 2 ? 0.2644 0.1768 0.1740 -0.0413 -0.0067 0.0499  1   A   A N6    
19 N N1    . A   A 2 ? 0.3317 0.2024 0.2203 0.0250  0.0702  0.0794  1   A   A N1    
20 C C2    . A   A 2 ? 0.4362 0.2121 0.2173 0.0978  0.1356  0.0738  1   A   A C2    
21 N N3    . A   A 2 ? 0.3040 0.2275 0.2334 0.0459  0.0699  0.0819  1   A   A N3    
22 C C4    . A   A 2 ? 0.2874 0.1940 0.1751 0.0293  0.0440  0.0840  1   A   A C4    
33 P P     . A   A 3 ? 0.2071 0.2048 0.1844 -0.0372 0.0066  0.0558  2   A   A P     
34 O OP1   . A   A 3 ? 0.2513 0.2593 0.2363 -0.0565 0.0228  0.0556  2   A   A OP1   
35 O OP2   . A   A 3 ? 0.2314 0.2158 0.2122 -0.0263 0.0227  0.0146  2   A   A OP2   
36 O "O5'" . A   A 3 ? 0.1792 0.1908 0.2183 -0.0104 0.0169  0.0389  2   A   A "O5'" 
37 C "C5'" . A   A 3 ? 0.1880 0.2536 0.2609 -0.0117 0.0002  0.0994  2   A   A "C5'" 
38 C "C4'" . A   A 3 ? 0.1666 0.2507 0.2441 0.0285  0.0307  0.0795  2   A   A "C4'" 
39 O "O4'" . A   A 3 ? 0.1836 0.1941 0.2037 0.0269  0.0205  0.0612  2   A   A "O4'" 
40 C "C3'" . A   A 3 ? 0.1905 0.2598 0.2329 0.0561  0.0680  0.1383  2   A   A "C3'" 
41 O "O3'" . A   A 3 ? 0.2044 0.3239 0.2955 0.0564  0.0660  0.1759  2   A   A "O3'" 
42 C "C2'" . A   A 3 ? 0.2192 0.2463 0.2067 0.0672  0.0820  0.1057  2   A   A "C2'" 
43 O "O2'" . A   A 3 ? 0.2697 0.3207 0.2002 0.1157  0.0782  0.1053  2   A   A "O2'" 
44 C "C1'" . A   A 3 ? 0.1965 0.2077 0.1800 0.0643  0.0408  0.0458  2   A   A "C1'" 
45 N N9    . A   A 3 ? 0.2076 0.1612 0.1857 0.0280  0.0273  0.0577  2   A   A N9    
46 C C8    . A   A 3 ? 0.1925 0.1671 0.1769 0.0307  0.0401  0.0590  2   A   A C8    
47 N N7    . A   A 3 ? 0.1672 0.1508 0.1525 0.0005  0.0118  0.0356  2   A   A N7    
48 C C5    . A   A 3 ? 0.1668 0.1364 0.1494 -0.0045 0.0209  0.0502  2   A   A C5    
49 C C6    . A   A 3 ? 0.1614 0.1465 0.1504 -0.0154 0.0209  0.0477  2   A   A C6    
50 N N6    . A   A 3 ? 0.1857 0.1676 0.1579 -0.0170 0.0029  0.0377  2   A   A N6    
51 N N1    . A   A 3 ? 0.2058 0.1776 0.1580 -0.0154 0.0026  0.0337  2   A   A N1    
52 C C2    . A   A 3 ? 0.2461 0.1881 0.1927 0.0076  0.0198  0.0556  2   A   A C2    
53 N N3    . A   A 3 ? 0.2701 0.1688 0.1837 0.0399  0.0472  0.0260  2   A   A N3    
54 C C4    . A   A 3 ? 0.1942 0.1560 0.1684 0.0252  0.0270  0.0500  2   A   A C4    
65 N N     . NH4 B . ? 0.2307 0.2300 0.2436 -0.0589 -0.0103 -0.0352 101 NH4 A N     
66 O O     . HOH C . ? 0.5800 0.8166 0.7505 0.0254  -0.0962 -0.3542 201 HOH A O     
67 O O     . HOH C . ? 0.3799 0.3799 0.3799 0.0000  0.0000  0.0000  202 HOH A O     
68 O O     . HOH C . ? 0.3675 0.7401 0.8072 -0.0428 -0.0691 -0.3703 203 HOH A O     
69 O O     . HOH C . ? 0.3799 0.3799 0.3799 0.0000  0.0000  0.0000  204 HOH A O     
70 O O     . HOH C . ? 0.7164 0.7209 0.5514 -0.0754 0.0378  0.1571  205 HOH A O     
71 O O     . HOH C . ? 0.6545 1.0451 0.6480 0.1297  0.1929  -0.0174 206 HOH A O     
72 O O     . HOH C . ? 0.9631 0.6396 0.8504 0.2382  -0.5088 -0.2546 207 HOH A O     
73 O O     . HOH C . ? 0.3050 0.3686 0.6000 -0.0608 -0.0390 0.1164  208 HOH A O     
# 
loop_
_pdbx_poly_seq_scheme.asym_id 
_pdbx_poly_seq_scheme.entity_id 
_pdbx_poly_seq_scheme.seq_id 
_pdbx_poly_seq_scheme.mon_id 
_pdbx_poly_seq_scheme.ndb_seq_num 
_pdbx_poly_seq_scheme.pdb_seq_num 
_pdbx_poly_seq_scheme.auth_seq_num 
_pdbx_poly_seq_scheme.pdb_mon_id 
_pdbx_poly_seq_scheme.auth_mon_id 
_pdbx_poly_seq_scheme.pdb_strand_id 
_pdbx_poly_seq_scheme.pdb_ins_code 
_pdbx_poly_seq_scheme.hetero 
A 1 1 A 1 0 ? ? ? A . n 
A 1 2 A 2 1 1 A A A . n 
A 1 3 A 3 2 2 A A A . n 
A 1 4 A 4 3 ? ? ? A . n 
A 1 5 A 5 4 ? ? ? A . n 
A 1 6 A 6 5 ? ? ? A . n 
A 1 7 A 7 6 ? ? ? A . n 
# 
loop_
_pdbx_nonpoly_scheme.asym_id 
_pdbx_nonpoly_scheme.entity_id 
_pdbx_nonpoly_scheme.mon_id 
_pdbx_nonpoly_scheme.ndb_seq_num 
_pdbx_nonpoly_scheme.pdb_seq_num 
_pdbx_nonpoly_scheme.auth_seq_num 
_pdbx_nonpoly_scheme.pdb_mon_id 
_pdbx_nonpoly_scheme.auth_mon_id 
_pdbx_nonpoly_scheme.pdb_strand_id 
_pdbx_nonpoly_scheme.pdb_ins_code 
B 2 NH4 1 101 1  NH4 NH4 A . 
C 3 HOH 1 201 7  HOH HOH A . 
C 3 HOH 2 202 10 HOH HOH A . 
C 3 HOH 3 203 4  HOH HOH A . 
C 3 HOH 4 204 11 HOH HOH A . 
C 3 HOH 5 205 9  HOH HOH A . 
C 3 HOH 6 206 5  HOH HOH A . 
C 3 HOH 7 207 1  HOH HOH A . 
C 3 HOH 8 208 2  HOH HOH A . 
# 
_pdbx_struct_assembly.id                   1 
_pdbx_struct_assembly.details              author_defined_assembly 
_pdbx_struct_assembly.method_details       ? 
_pdbx_struct_assembly.oligomeric_details   dimeric 
_pdbx_struct_assembly.oligomeric_count     2 
# 
loop_
_pdbx_struct_assembly_gen.assembly_id 
_pdbx_struct_assembly_gen.oper_expression 
_pdbx_struct_assembly_gen.asym_id_list 
1 1 A,B,C 
1 2 A,B,C 
# 
loop_
_pdbx_struct_oper_list.id 
_pdbx_struct_oper_list.type 
_pdbx_struct_oper_list.name 
_pdbx_struct_oper_list.symmetry_operation 
_pdbx_struct_oper_list.matrix[1][1] 
_pdbx_struct_oper_list.matrix[1][2] 
_pdbx_struct_oper_list.matrix[1][3] 
_pdbx_struct_oper_list.vector[1] 
_pdbx_struct_oper_list.matrix[2][1] 
_pdbx_struct_oper_list.matrix[2][2] 
_pdbx_struct_oper_list.matrix[2][3] 
_pdbx_struct_oper_list.vector[2] 
_pdbx_struct_oper_list.matrix[3][1] 
_pdbx_struct_oper_list.matrix[3][2] 
_pdbx_struct_oper_list.matrix[3][3] 
_pdbx_struct_oper_list.vector[3] 
1 'identity operation'         1_555 x,y,z       1.0000000000  0.0000000000 0.0000000000  0.0000000000  0.0000000000 1.0000000000 0.0000000000  0.0000000000 0.0000000000  0.0000000000  1.0000000000  0.0000000000  
2 'crystal symmetry operation' 2_835 -x+3,-y-2,z -0.9925719337 0.0875812526 -0.0844421734 -7.3416400731 0.0875812526 0.0326342661 -0.9956226840 0.2036301428 -0.0844421734 -0.9956226840 -0.0400623324 -0.4346170268 
# 
loop_
_pdbx_audit_revision_history.ordinal 
_pdbx_audit_revision_history.data_content_type 
_pdbx_audit_revision_history.major_revision 
_pdbx_audit_revision_history.minor_revision 
_pdbx_audit_revision_history.revision_date 
1 'Structure model' 1 0 2016-07-06 
2 'Structure model' 1 1 2016-07-13 
3 'Structure model' 1 2 2016-07-20 
4 'Structure model' 1 3 2016-08-17 
5 'Structure model' 1 4 2016-10-12 
6 'Structure model' 1 5 2017-09-20 
7 'Structure model' 1 6 2019-12-04 
8 'Structure model' 1 7 2023-09-27 
# 
_pdbx_audit_revision_details.ordinal             1 
_pdbx_audit_revision_details.revision_ordinal    1 
_pdbx_audit_revision_details.data_content_type   'Structure model' 
_pdbx_audit_revision_details.provider            repository 
_pdbx_audit_revision_details.type                'Initial release' 
_pdbx_audit_revision_details.description         ? 
_pdbx_audit_revision_details.details             ? 
# 
loop_
_pdbx_audit_revision_group.ordinal 
_pdbx_audit_revision_group.revision_ordinal 
_pdbx_audit_revision_group.data_content_type 
_pdbx_audit_revision_group.group 
1  2 'Structure model' 'Database references'        
2  3 'Structure model' 'Data collection'            
3  4 'Structure model' 'Structure summary'          
4  5 'Structure model' 'Database references'        
5  6 'Structure model' 'Author supporting evidence' 
6  6 'Structure model' 'Database references'        
7  6 'Structure model' 'Derived calculations'       
8  7 'Structure model' 'Author supporting evidence' 
9  8 'Structure model' 'Data collection'            
10 8 'Structure model' 'Database references'        
11 8 'Structure model' 'Refinement description'     
# 
loop_
_pdbx_audit_revision_category.ordinal 
_pdbx_audit_revision_category.revision_ordinal 
_pdbx_audit_revision_category.data_content_type 
_pdbx_audit_revision_category.category 
1 6 'Structure model' citation                      
2 6 'Structure model' pdbx_audit_support            
3 6 'Structure model' pdbx_struct_oper_list         
4 7 'Structure model' pdbx_audit_support            
5 8 'Structure model' chem_comp_atom                
6 8 'Structure model' chem_comp_bond                
7 8 'Structure model' database_2                    
8 8 'Structure model' diffrn_radiation_wavelength   
9 8 'Structure model' pdbx_initial_refinement_model 
# 
loop_
_pdbx_audit_revision_item.ordinal 
_pdbx_audit_revision_item.revision_ordinal 
_pdbx_audit_revision_item.data_content_type 
_pdbx_audit_revision_item.item 
1 6 'Structure model' '_citation.journal_id_CSD'                  
2 6 'Structure model' '_pdbx_struct_oper_list.symmetry_operation' 
3 7 'Structure model' '_pdbx_audit_support.funding_organization'  
4 8 'Structure model' '_database_2.pdbx_DOI'                      
5 8 'Structure model' '_database_2.pdbx_database_accession'       
# 
loop_
_software.citation_id 
_software.classification 
_software.compiler_name 
_software.compiler_version 
_software.contact_author 
_software.contact_author_email 
_software.date 
_software.description 
_software.dependencies 
_software.hardware 
_software.language 
_software.location 
_software.mods 
_software.name 
_software.os 
_software.os_version 
_software.type 
_software.version 
_software.pdbx_ordinal 
? refinement       ? ? ? ? ? ? ? ? ? ? ? PHENIX  ? ? ? '(1.10.1_2155: ???)' 1 
? 'data reduction' ? ? ? ? ? ? ? ? ? ? ? XDS     ? ? ? .                    2 
? 'data scaling'   ? ? ? ? ? ? ? ? ? ? ? Aimless ? ? ? .                    3 
? phasing          ? ? ? ? ? ? ? ? ? ? ? PHENIX  ? ? ? .                    4 
# 
_pdbx_validate_symm_contact.id                1 
_pdbx_validate_symm_contact.PDB_model_num     1 
_pdbx_validate_symm_contact.auth_atom_id_1    P 
_pdbx_validate_symm_contact.auth_asym_id_1    A 
_pdbx_validate_symm_contact.auth_comp_id_1    A 
_pdbx_validate_symm_contact.auth_seq_id_1     1 
_pdbx_validate_symm_contact.PDB_ins_code_1    ? 
_pdbx_validate_symm_contact.label_alt_id_1    ? 
_pdbx_validate_symm_contact.site_symmetry_1   1_555 
_pdbx_validate_symm_contact.auth_atom_id_2    "O3'" 
_pdbx_validate_symm_contact.auth_asym_id_2    A 
_pdbx_validate_symm_contact.auth_comp_id_2    A 
_pdbx_validate_symm_contact.auth_seq_id_2     2 
_pdbx_validate_symm_contact.PDB_ins_code_2    ? 
_pdbx_validate_symm_contact.label_alt_id_2    ? 
_pdbx_validate_symm_contact.site_symmetry_2   4_754 
_pdbx_validate_symm_contact.dist              1.63 
# 
loop_
_pdbx_validate_rmsd_bond.id 
_pdbx_validate_rmsd_bond.PDB_model_num 
_pdbx_validate_rmsd_bond.auth_atom_id_1 
_pdbx_validate_rmsd_bond.auth_asym_id_1 
_pdbx_validate_rmsd_bond.auth_comp_id_1 
_pdbx_validate_rmsd_bond.auth_seq_id_1 
_pdbx_validate_rmsd_bond.PDB_ins_code_1 
_pdbx_validate_rmsd_bond.label_alt_id_1 
_pdbx_validate_rmsd_bond.auth_atom_id_2 
_pdbx_validate_rmsd_bond.auth_asym_id_2 
_pdbx_validate_rmsd_bond.auth_comp_id_2 
_pdbx_validate_rmsd_bond.auth_seq_id_2 
_pdbx_validate_rmsd_bond.PDB_ins_code_2 
_pdbx_validate_rmsd_bond.label_alt_id_2 
_pdbx_validate_rmsd_bond.bond_value 
_pdbx_validate_rmsd_bond.bond_target_value 
_pdbx_validate_rmsd_bond.bond_deviation 
_pdbx_validate_rmsd_bond.bond_standard_deviation 
_pdbx_validate_rmsd_bond.linker_flag 
1 1 "O5'" A A 1 ? ? "C5'" A A 1 ? ? 1.349 1.420 -0.071 0.009 N 
2 1 "O3'" A A 1 ? ? "C3'" A A 1 ? ? 1.327 1.417 -0.090 0.014 N 
3 1 "C2'" A A 1 ? ? "O2'" A A 1 ? ? 1.507 1.420 0.087  0.010 N 
4 1 N1    A A 1 ? ? C2    A A 1 ? ? 1.414 1.339 0.075  0.009 N 
5 1 C6    A A 1 ? ? N6    A A 1 ? ? 1.231 1.335 -0.104 0.008 N 
# 
loop_
_pdbx_validate_rmsd_angle.id 
_pdbx_validate_rmsd_angle.PDB_model_num 
_pdbx_validate_rmsd_angle.auth_atom_id_1 
_pdbx_validate_rmsd_angle.auth_asym_id_1 
_pdbx_validate_rmsd_angle.auth_comp_id_1 
_pdbx_validate_rmsd_angle.auth_seq_id_1 
_pdbx_validate_rmsd_angle.PDB_ins_code_1 
_pdbx_validate_rmsd_angle.label_alt_id_1 
_pdbx_validate_rmsd_angle.auth_atom_id_2 
_pdbx_validate_rmsd_angle.auth_asym_id_2 
_pdbx_validate_rmsd_angle.auth_comp_id_2 
_pdbx_validate_rmsd_angle.auth_seq_id_2 
_pdbx_validate_rmsd_angle.PDB_ins_code_2 
_pdbx_validate_rmsd_angle.label_alt_id_2 
_pdbx_validate_rmsd_angle.auth_atom_id_3 
_pdbx_validate_rmsd_angle.auth_asym_id_3 
_pdbx_validate_rmsd_angle.auth_comp_id_3 
_pdbx_validate_rmsd_angle.auth_seq_id_3 
_pdbx_validate_rmsd_angle.PDB_ins_code_3 
_pdbx_validate_rmsd_angle.label_alt_id_3 
_pdbx_validate_rmsd_angle.angle_value 
_pdbx_validate_rmsd_angle.angle_target_value 
_pdbx_validate_rmsd_angle.angle_deviation 
_pdbx_validate_rmsd_angle.angle_standard_deviation 
_pdbx_validate_rmsd_angle.linker_flag 
1  1 N9 A A 1 ? ? "C1'" A A 1 ? ? "C2'" A A 1 ? ? 102.58 112.00 -9.42  1.10 N 
2  1 C6 A A 1 ? ? N1    A A 1 ? ? C2    A A 1 ? ? 126.77 118.60 8.17   0.60 N 
3  1 N1 A A 1 ? ? C2    A A 1 ? ? N3    A A 1 ? ? 122.40 129.30 -6.90  0.50 N 
4  1 C4 A A 1 ? ? C5    A A 1 ? ? C6    A A 1 ? ? 122.88 117.00 5.88   0.50 N 
5  1 C5 A A 1 ? ? C6    A A 1 ? ? N1    A A 1 ? ? 106.85 117.70 -10.85 0.50 N 
6  1 C6 A A 1 ? ? C5    A A 1 ? ? N7    A A 1 ? ? 127.70 132.30 -4.60  0.70 N 
7  1 C5 A A 1 ? ? C6    A A 1 ? ? N6    A A 1 ? ? 131.26 123.70 7.56   0.80 N 
8  1 N7 A A 2 ? ? C8    A A 2 ? ? N9    A A 2 ? ? 110.73 113.80 -3.07  0.50 N 
9  1 C8 A A 2 ? ? N9    A A 2 ? ? C4    A A 2 ? ? 109.36 105.80 3.56   0.40 N 
10 1 N9 A A 2 ? ? C4    A A 2 ? ? C5    A A 2 ? ? 103.30 105.80 -2.50  0.40 N 
# 
loop_
_pdbx_unobs_or_zero_occ_residues.id 
_pdbx_unobs_or_zero_occ_residues.PDB_model_num 
_pdbx_unobs_or_zero_occ_residues.polymer_flag 
_pdbx_unobs_or_zero_occ_residues.occupancy_flag 
_pdbx_unobs_or_zero_occ_residues.auth_asym_id 
_pdbx_unobs_or_zero_occ_residues.auth_comp_id 
_pdbx_unobs_or_zero_occ_residues.auth_seq_id 
_pdbx_unobs_or_zero_occ_residues.PDB_ins_code 
_pdbx_unobs_or_zero_occ_residues.label_asym_id 
_pdbx_unobs_or_zero_occ_residues.label_comp_id 
_pdbx_unobs_or_zero_occ_residues.label_seq_id 
1 1 Y 1 A A 0 ? A A 1 
2 1 Y 1 A A 3 ? A A 4 
3 1 Y 1 A A 4 ? A A 5 
4 1 Y 1 A A 5 ? A A 6 
5 1 Y 1 A A 6 ? A A 7 
# 
loop_
_chem_comp_atom.comp_id 
_chem_comp_atom.atom_id 
_chem_comp_atom.type_symbol 
_chem_comp_atom.pdbx_aromatic_flag 
_chem_comp_atom.pdbx_stereo_config 
_chem_comp_atom.pdbx_ordinal 
A   OP3    O N N 1  
A   P      P N N 2  
A   OP1    O N N 3  
A   OP2    O N N 4  
A   "O5'"  O N N 5  
A   "C5'"  C N N 6  
A   "C4'"  C N R 7  
A   "O4'"  O N N 8  
A   "C3'"  C N S 9  
A   "O3'"  O N N 10 
A   "C2'"  C N R 11 
A   "O2'"  O N N 12 
A   "C1'"  C N R 13 
A   N9     N Y N 14 
A   C8     C Y N 15 
A   N7     N Y N 16 
A   C5     C Y N 17 
A   C6     C Y N 18 
A   N6     N N N 19 
A   N1     N Y N 20 
A   C2     C Y N 21 
A   N3     N Y N 22 
A   C4     C Y N 23 
A   HOP3   H N N 24 
A   HOP2   H N N 25 
A   "H5'"  H N N 26 
A   "H5''" H N N 27 
A   "H4'"  H N N 28 
A   "H3'"  H N N 29 
A   "HO3'" H N N 30 
A   "H2'"  H N N 31 
A   "HO2'" H N N 32 
A   "H1'"  H N N 33 
A   H8     H N N 34 
A   H61    H N N 35 
A   H62    H N N 36 
A   H2     H N N 37 
HOH O      O N N 38 
HOH H1     H N N 39 
HOH H2     H N N 40 
NH4 N      N N N 41 
NH4 HN1    H N N 42 
NH4 HN2    H N N 43 
NH4 HN3    H N N 44 
NH4 HN4    H N N 45 
# 
loop_
_chem_comp_bond.comp_id 
_chem_comp_bond.atom_id_1 
_chem_comp_bond.atom_id_2 
_chem_comp_bond.value_order 
_chem_comp_bond.pdbx_aromatic_flag 
_chem_comp_bond.pdbx_stereo_config 
_chem_comp_bond.pdbx_ordinal 
A   OP3   P      sing N N 1  
A   OP3   HOP3   sing N N 2  
A   P     OP1    doub N N 3  
A   P     OP2    sing N N 4  
A   P     "O5'"  sing N N 5  
A   OP2   HOP2   sing N N 6  
A   "O5'" "C5'"  sing N N 7  
A   "C5'" "C4'"  sing N N 8  
A   "C5'" "H5'"  sing N N 9  
A   "C5'" "H5''" sing N N 10 
A   "C4'" "O4'"  sing N N 11 
A   "C4'" "C3'"  sing N N 12 
A   "C4'" "H4'"  sing N N 13 
A   "O4'" "C1'"  sing N N 14 
A   "C3'" "O3'"  sing N N 15 
A   "C3'" "C2'"  sing N N 16 
A   "C3'" "H3'"  sing N N 17 
A   "O3'" "HO3'" sing N N 18 
A   "C2'" "O2'"  sing N N 19 
A   "C2'" "C1'"  sing N N 20 
A   "C2'" "H2'"  sing N N 21 
A   "O2'" "HO2'" sing N N 22 
A   "C1'" N9     sing N N 23 
A   "C1'" "H1'"  sing N N 24 
A   N9    C8     sing Y N 25 
A   N9    C4     sing Y N 26 
A   C8    N7     doub Y N 27 
A   C8    H8     sing N N 28 
A   N7    C5     sing Y N 29 
A   C5    C6     sing Y N 30 
A   C5    C4     doub Y N 31 
A   C6    N6     sing N N 32 
A   C6    N1     doub Y N 33 
A   N6    H61    sing N N 34 
A   N6    H62    sing N N 35 
A   N1    C2     sing Y N 36 
A   C2    N3     doub Y N 37 
A   C2    H2     sing N N 38 
A   N3    C4     sing Y N 39 
HOH O     H1     sing N N 40 
HOH O     H2     sing N N 41 
NH4 N     HN1    sing N N 42 
NH4 N     HN2    sing N N 43 
NH4 N     HN3    sing N N 44 
NH4 N     HN4    sing N N 45 
# 
_ndb_struct_conf_na.entry_id   5K8H 
_ndb_struct_conf_na.feature    'double helix' 
# 
loop_
_ndb_struct_na_base_pair.model_number 
_ndb_struct_na_base_pair.i_label_asym_id 
_ndb_struct_na_base_pair.i_label_comp_id 
_ndb_struct_na_base_pair.i_label_seq_id 
_ndb_struct_na_base_pair.i_symmetry 
_ndb_struct_na_base_pair.j_label_asym_id 
_ndb_struct_na_base_pair.j_label_comp_id 
_ndb_struct_na_base_pair.j_label_seq_id 
_ndb_struct_na_base_pair.j_symmetry 
_ndb_struct_na_base_pair.shear 
_ndb_struct_na_base_pair.stretch 
_ndb_struct_na_base_pair.stagger 
_ndb_struct_na_base_pair.buckle 
_ndb_struct_na_base_pair.propeller 
_ndb_struct_na_base_pair.opening 
_ndb_struct_na_base_pair.pair_number 
_ndb_struct_na_base_pair.pair_name 
_ndb_struct_na_base_pair.i_auth_asym_id 
_ndb_struct_na_base_pair.i_auth_seq_id 
_ndb_struct_na_base_pair.i_PDB_ins_code 
_ndb_struct_na_base_pair.j_auth_asym_id 
_ndb_struct_na_base_pair.j_auth_seq_id 
_ndb_struct_na_base_pair.j_PDB_ins_code 
_ndb_struct_na_base_pair.hbond_type_28 
_ndb_struct_na_base_pair.hbond_type_12 
1 A A 2 1_555 A A 2 2_835 6.050 -5.029 0.000 -3.360 -10.764 180.000 1 A_A1:A1_A A 1 ? A 1 ? 2 8 
1 A A 3 1_555 A A 3 2_835 6.078 -5.010 0.000 -3.420 -12.013 180.000 2 A_A2:A2_A A 2 ? A 2 ? 2 8 
# 
_ndb_struct_na_base_pair_step.model_number        1 
_ndb_struct_na_base_pair_step.i_label_asym_id_1   A 
_ndb_struct_na_base_pair_step.i_label_comp_id_1   A 
_ndb_struct_na_base_pair_step.i_label_seq_id_1    2 
_ndb_struct_na_base_pair_step.i_symmetry_1        1_555 
_ndb_struct_na_base_pair_step.j_label_asym_id_1   A 
_ndb_struct_na_base_pair_step.j_label_comp_id_1   A 
_ndb_struct_na_base_pair_step.j_label_seq_id_1    2 
_ndb_struct_na_base_pair_step.j_symmetry_1        2_835 
_ndb_struct_na_base_pair_step.i_label_asym_id_2   A 
_ndb_struct_na_base_pair_step.i_label_comp_id_2   A 
_ndb_struct_na_base_pair_step.i_label_seq_id_2    3 
_ndb_struct_na_base_pair_step.i_symmetry_2        1_555 
_ndb_struct_na_base_pair_step.j_label_asym_id_2   A 
_ndb_struct_na_base_pair_step.j_label_comp_id_2   A 
_ndb_struct_na_base_pair_step.j_label_seq_id_2    3 
_ndb_struct_na_base_pair_step.j_symmetry_2        2_835 
_ndb_struct_na_base_pair_step.shift               0.000 
_ndb_struct_na_base_pair_step.slide               0.000 
_ndb_struct_na_base_pair_step.rise                3.748 
_ndb_struct_na_base_pair_step.tilt                0.000 
_ndb_struct_na_base_pair_step.roll                0.000 
_ndb_struct_na_base_pair_step.twist               47.599 
_ndb_struct_na_base_pair_step.x_displacement      0.000 
_ndb_struct_na_base_pair_step.y_displacement      0.000 
_ndb_struct_na_base_pair_step.helical_rise        3.748 
_ndb_struct_na_base_pair_step.inclination         0.000 
_ndb_struct_na_base_pair_step.tip                 0.000 
_ndb_struct_na_base_pair_step.helical_twist       47.599 
_ndb_struct_na_base_pair_step.step_number         1 
_ndb_struct_na_base_pair_step.step_name           AA_A1A2:A2A1_AA 
_ndb_struct_na_base_pair_step.i_auth_asym_id_1    A 
_ndb_struct_na_base_pair_step.i_auth_seq_id_1     1 
_ndb_struct_na_base_pair_step.i_PDB_ins_code_1    ? 
_ndb_struct_na_base_pair_step.j_auth_asym_id_1    A 
_ndb_struct_na_base_pair_step.j_auth_seq_id_1     1 
_ndb_struct_na_base_pair_step.j_PDB_ins_code_1    ? 
_ndb_struct_na_base_pair_step.i_auth_asym_id_2    A 
_ndb_struct_na_base_pair_step.i_auth_seq_id_2     2 
_ndb_struct_na_base_pair_step.i_PDB_ins_code_2    ? 
_ndb_struct_na_base_pair_step.j_auth_asym_id_2    A 
_ndb_struct_na_base_pair_step.j_auth_seq_id_2     2 
_ndb_struct_na_base_pair_step.j_PDB_ins_code_2    ? 
# 
loop_
_pdbx_audit_support.funding_organization 
_pdbx_audit_support.country 
_pdbx_audit_support.grant_number 
_pdbx_audit_support.ordinal 
'National Institutes of Health/National Institute of General Medical Sciences (NIH/NIGMS)' 'United States' 'R37 GM074593' 1 
'National Institutes of Health/National Institute of General Medical Sciences (NIH/NIGMS)' 'United States' 'R01 GM22939'  2 
'National Institutes of Health/National Cancer Institute (NIH/NCI)'                        'United States' 'T32 CA09363'  3 
# 
loop_
_pdbx_entity_nonpoly.entity_id 
_pdbx_entity_nonpoly.name 
_pdbx_entity_nonpoly.comp_id 
2 'AMMONIUM ION' NH4 
3 water          HOH 
# 
_pdbx_initial_refinement_model.id               1 
_pdbx_initial_refinement_model.entity_id_list   ? 
_pdbx_initial_refinement_model.type             'experimental model' 
_pdbx_initial_refinement_model.source_name      PDB 
_pdbx_initial_refinement_model.accession_code   4JRD 
_pdbx_initial_refinement_model.details          'rA2 section of the 4JRD' 
# 
